data_1CK7
#
_entry.id   1CK7
#
_cell.length_a   121.320
_cell.length_b   121.320
_cell.length_c   345.110
_cell.angle_alpha   90.00
_cell.angle_beta   90.00
_cell.angle_gamma   90.00
#
_symmetry.space_group_name_H-M   'I 41 2 2'
#
loop_
_entity.id
_entity.type
_entity.pdbx_description
1 polymer 'PROTEIN (GELATINASE A)'
2 non-polymer 'ZINC ION'
3 non-polymer 'CALCIUM ION'
4 non-polymer 'CHLORIDE ION'
5 non-polymer 'SODIUM ION'
6 non-polymer 'SULFATE ION'
7 water water
#
_entity_poly.entity_id   1
_entity_poly.type   'polypeptide(L)'
_entity_poly.pdbx_seq_one_letter_code
;APSPIIKFPGDVAPKTDKELAVQYLNTFYGCPKESCNLFVLKDTLKKMQKFFGLPQTGDLDQNTIETMRKPRCGNPDVAN
YNFFPRKPKWDKNQITYRIIGYTPDLDPETVDDAFARAFQVWSDVTPLRFSRIHDGEADIMINFGRWEHGDGYPFDGKDG
LLAHAFAPGTGVGGDSHFDDDELWTLGEGQVVRVKYGNADGEYCKFPFLFNGKEYNSCTDTGRSDGFLWCSTTYNFEKDG
KYGFCPHEALFTMGGNAEGQPCKFPFRFQGTSYDSCTTEGRTDGYRWCGTTEDYDRDKKYGFCPETAMSTVGGNSEGAPC
VFPFTFLGNKYESCTSAGRSDGKMWCATTANYDDDRKWGFCPDQGYSLFLVAAHAFGHAMGLEHSQDPGALMAPIYTYTK
NFRLSQDDIKGIQELYGASPDIDLGTGPTPTLGPVTPEICKQDIVFDGIAQIRGEIFFFKDRFIWRTVTPRDKPMGPLLV
ATFWPELPEKIDAVYEAPQEEKAVFFAGNEYWIYSASTLERGYPKPLTSLGLPPDVQRVDAAFNWSKNKKTYIFAGDKFW
RYNEVKKKMDPGFPKLIADAWNAIPDNLDAVVDLQGGGHSYFFKGAYYLKLENQSLKSVKFGSIKSDWLGC
;
_entity_poly.pdbx_strand_id   A
#
loop_
_chem_comp.id
_chem_comp.type
_chem_comp.name
_chem_comp.formula
CA non-polymer 'CALCIUM ION' 'Ca 2'
CL non-polymer 'CHLORIDE ION' 'Cl -1'
NA non-polymer 'SODIUM ION' 'Na 1'
SO4 non-polymer 'SULFATE ION' 'O4 S -2'
ZN non-polymer 'ZINC ION' 'Zn 2'
#
# COMPACT_ATOMS: atom_id res chain seq x y z
N PRO A 2 -25.73 -1.05 -13.63
CA PRO A 2 -25.58 -2.48 -14.03
C PRO A 2 -24.38 -3.11 -13.32
N SER A 3 -24.37 -4.38 -13.07
CA SER A 3 -23.27 -5.17 -12.62
C SER A 3 -23.78 -6.59 -12.33
N PRO A 4 -23.60 -7.53 -13.22
CA PRO A 4 -23.96 -8.92 -12.86
C PRO A 4 -22.71 -9.61 -12.31
N ILE A 5 -22.88 -10.49 -11.37
CA ILE A 5 -21.74 -11.22 -10.83
C ILE A 5 -21.48 -12.53 -11.57
N ILE A 6 -20.21 -12.90 -11.69
CA ILE A 6 -19.97 -14.18 -12.33
C ILE A 6 -18.72 -14.79 -11.69
N LYS A 7 -18.52 -16.06 -11.94
CA LYS A 7 -17.33 -16.83 -11.58
C LYS A 7 -16.47 -16.92 -12.86
N PHE A 8 -15.21 -16.59 -12.73
CA PHE A 8 -14.28 -16.61 -13.83
C PHE A 8 -13.59 -17.95 -13.94
N PRO A 9 -13.51 -18.49 -15.15
CA PRO A 9 -12.86 -19.76 -15.37
C PRO A 9 -11.48 -19.78 -14.70
N GLY A 10 -11.23 -20.76 -13.86
CA GLY A 10 -9.98 -21.02 -13.20
C GLY A 10 -9.57 -19.99 -12.19
N ASP A 11 -10.51 -19.53 -11.37
CA ASP A 11 -10.18 -18.50 -10.39
C ASP A 11 -10.02 -19.11 -9.02
N VAL A 12 -9.27 -18.52 -8.08
CA VAL A 12 -9.14 -19.11 -6.76
C VAL A 12 -10.31 -18.68 -5.87
N ALA A 13 -11.20 -19.63 -5.57
CA ALA A 13 -12.35 -19.31 -4.73
C ALA A 13 -11.81 -18.62 -3.48
N PRO A 14 -12.61 -17.70 -2.96
CA PRO A 14 -12.21 -16.92 -1.80
C PRO A 14 -12.47 -17.70 -0.53
N LYS A 15 -11.70 -17.37 0.52
CA LYS A 15 -11.89 -18.06 1.79
C LYS A 15 -12.98 -17.32 2.57
N THR A 16 -13.91 -18.08 3.12
CA THR A 16 -14.96 -17.47 3.95
C THR A 16 -14.37 -17.04 5.30
N ASP A 17 -14.98 -16.03 5.88
CA ASP A 17 -14.61 -15.42 7.13
C ASP A 17 -14.12 -16.40 8.18
N LYS A 18 -14.84 -17.47 8.40
CA LYS A 18 -14.43 -18.49 9.38
C LYS A 18 -13.09 -19.08 8.95
N GLU A 19 -13.11 -19.62 7.73
CA GLU A 19 -11.91 -20.19 7.13
C GLU A 19 -10.76 -19.21 7.28
N LEU A 20 -11.02 -17.92 7.04
CA LEU A 20 -10.01 -16.89 7.14
C LEU A 20 -9.53 -16.72 8.57
N ALA A 21 -10.51 -16.62 9.46
CA ALA A 21 -10.22 -16.40 10.89
C ALA A 21 -9.26 -17.44 11.44
N VAL A 22 -9.69 -18.70 11.40
CA VAL A 22 -8.93 -19.86 11.79
C VAL A 22 -7.51 -19.84 11.24
N GLN A 23 -7.42 -19.59 9.93
CA GLN A 23 -6.07 -19.51 9.34
C GLN A 23 -5.27 -18.39 10.00
N TYR A 24 -5.91 -17.25 10.29
CA TYR A 24 -5.18 -16.12 10.85
C TYR A 24 -4.70 -16.46 12.26
N LEU A 25 -5.67 -17.01 13.01
CA LEU A 25 -5.47 -17.38 14.38
C LEU A 25 -4.42 -18.47 14.49
N ASN A 26 -4.50 -19.45 13.61
CA ASN A 26 -3.56 -20.54 13.47
C ASN A 26 -2.18 -20.06 13.06
N THR A 27 -2.12 -19.05 12.21
CA THR A 27 -0.85 -18.63 11.64
C THR A 27 -0.15 -17.67 12.57
N PHE A 28 -0.91 -16.70 13.07
CA PHE A 28 -0.30 -15.64 13.86
C PHE A 28 -0.57 -15.73 15.35
N TYR A 29 -1.46 -16.64 15.77
CA TYR A 29 -1.81 -16.62 17.19
C TYR A 29 -1.50 -17.88 17.92
N GLY A 30 -1.28 -18.99 17.21
CA GLY A 30 -0.91 -20.20 17.93
C GLY A 30 -2.07 -21.15 18.02
N CYS A 31 -3.32 -20.68 17.91
CA CYS A 31 -4.37 -21.71 18.11
C CYS A 31 -4.16 -22.81 17.11
N PRO A 32 -3.86 -24.01 17.61
CA PRO A 32 -3.65 -25.20 16.82
C PRO A 32 -4.87 -25.54 15.97
N LYS A 33 -4.60 -26.17 14.85
CA LYS A 33 -5.58 -26.54 13.84
C LYS A 33 -6.65 -27.49 14.36
N GLU A 34 -6.25 -28.20 15.41
CA GLU A 34 -7.01 -29.18 16.12
C GLU A 34 -7.94 -28.58 17.18
N SER A 35 -7.43 -27.58 17.89
CA SER A 35 -8.20 -26.95 18.93
C SER A 35 -9.23 -25.96 18.42
N CYS A 36 -9.14 -25.50 17.18
CA CYS A 36 -10.17 -24.54 16.77
C CYS A 36 -11.58 -25.13 16.85
N ASN A 37 -12.40 -24.49 17.67
CA ASN A 37 -13.77 -24.74 17.99
C ASN A 37 -14.40 -23.44 18.48
N LEU A 38 -15.67 -23.43 18.82
CA LEU A 38 -16.27 -22.14 19.19
C LEU A 38 -15.53 -21.47 20.33
N PHE A 39 -15.20 -22.27 21.34
CA PHE A 39 -14.56 -21.72 22.52
C PHE A 39 -13.20 -21.12 22.21
N VAL A 40 -12.40 -21.88 21.46
CA VAL A 40 -11.07 -21.42 21.12
C VAL A 40 -11.13 -20.21 20.19
N LEU A 41 -12.11 -20.20 19.29
CA LEU A 41 -12.21 -19.10 18.34
C LEU A 41 -12.47 -17.79 19.07
N LYS A 42 -13.39 -17.77 20.02
CA LYS A 42 -13.66 -16.54 20.74
C LYS A 42 -12.44 -16.05 21.50
N ASP A 43 -12.00 -16.87 22.44
CA ASP A 43 -10.87 -16.52 23.28
C ASP A 43 -9.70 -16.03 22.45
N THR A 44 -9.14 -16.92 21.63
CA THR A 44 -7.99 -16.55 20.82
C THR A 44 -8.33 -15.29 20.02
N LEU A 45 -9.52 -15.30 19.42
CA LEU A 45 -9.99 -14.16 18.66
C LEU A 45 -9.70 -12.86 19.40
N LYS A 46 -10.19 -12.81 20.64
CA LYS A 46 -10.02 -11.66 21.52
C LYS A 46 -8.57 -11.26 21.65
N LYS A 47 -7.66 -12.22 21.77
CA LYS A 47 -6.24 -11.91 21.89
C LYS A 47 -5.76 -11.15 20.66
N MET A 48 -6.30 -11.51 19.49
CA MET A 48 -5.96 -10.85 18.24
C MET A 48 -6.57 -9.44 18.23
N GLN A 49 -7.85 -9.42 18.63
CA GLN A 49 -8.57 -8.18 18.72
C GLN A 49 -7.88 -7.22 19.66
N LYS A 50 -7.42 -7.74 20.79
CA LYS A 50 -6.66 -6.94 21.74
C LYS A 50 -5.43 -6.33 21.08
N PHE A 51 -4.69 -7.19 20.37
CA PHE A 51 -3.47 -6.75 19.74
C PHE A 51 -3.75 -5.66 18.72
N PHE A 52 -4.86 -5.76 17.99
CA PHE A 52 -5.12 -4.78 16.93
C PHE A 52 -6.04 -3.65 17.30
N GLY A 53 -6.45 -3.56 18.57
CA GLY A 53 -7.30 -2.44 18.97
C GLY A 53 -8.77 -2.67 18.78
N LEU A 54 -9.18 -3.88 18.41
CA LEU A 54 -10.63 -4.06 18.30
C LEU A 54 -11.16 -4.28 19.71
N PRO A 55 -12.47 -4.26 19.81
CA PRO A 55 -13.14 -4.61 21.05
C PRO A 55 -12.77 -6.05 21.39
N GLN A 56 -12.72 -6.37 22.67
CA GLN A 56 -12.44 -7.79 22.96
C GLN A 56 -13.75 -8.56 22.94
N THR A 57 -13.92 -9.38 21.92
CA THR A 57 -15.13 -10.18 21.75
C THR A 57 -14.76 -11.41 20.93
N GLY A 58 -15.43 -12.53 21.08
CA GLY A 58 -15.01 -13.70 20.33
C GLY A 58 -15.64 -13.69 18.94
N ASP A 59 -16.66 -12.85 18.84
CA ASP A 59 -17.35 -12.66 17.57
C ASP A 59 -16.39 -12.06 16.55
N LEU A 60 -16.65 -12.37 15.30
CA LEU A 60 -15.88 -11.83 14.18
C LEU A 60 -16.51 -10.54 13.69
N ASP A 61 -15.98 -9.40 14.15
CA ASP A 61 -16.49 -8.08 13.88
C ASP A 61 -16.19 -7.59 12.47
N GLN A 62 -17.18 -6.95 11.87
CA GLN A 62 -17.04 -6.35 10.54
C GLN A 62 -15.67 -5.71 10.39
N ASN A 63 -15.03 -5.26 11.46
CA ASN A 63 -13.70 -4.71 11.43
C ASN A 63 -12.63 -5.76 11.80
N THR A 64 -12.96 -6.75 12.61
CA THR A 64 -12.03 -7.82 12.95
C THR A 64 -11.66 -8.63 11.70
N ILE A 65 -12.60 -8.71 10.76
CA ILE A 65 -12.38 -9.40 9.50
C ILE A 65 -11.67 -8.50 8.51
N GLU A 66 -12.09 -7.24 8.51
CA GLU A 66 -11.45 -6.28 7.60
C GLU A 66 -9.99 -6.12 7.98
N THR A 67 -9.71 -6.36 9.26
CA THR A 67 -8.34 -6.23 9.74
C THR A 67 -7.54 -7.45 9.37
N MET A 68 -8.13 -8.63 9.59
CA MET A 68 -7.37 -9.84 9.24
C MET A 68 -7.45 -10.15 7.77
N ARG A 69 -7.86 -9.18 6.96
CA ARG A 69 -7.90 -9.29 5.52
C ARG A 69 -6.84 -8.44 4.86
N LYS A 70 -6.04 -7.72 5.61
CA LYS A 70 -4.99 -6.85 5.14
C LYS A 70 -3.65 -7.57 5.05
N PRO A 71 -2.97 -7.44 3.95
CA PRO A 71 -1.65 -8.09 3.84
C PRO A 71 -0.79 -7.66 5.01
N ARG A 72 0.04 -8.60 5.42
CA ARG A 72 0.87 -8.39 6.55
C ARG A 72 2.11 -9.25 6.48
N CYS A 73 2.90 -9.12 7.53
CA CYS A 73 4.09 -9.99 7.63
C CYS A 73 3.72 -11.42 7.99
N GLY A 74 4.61 -12.37 7.76
CA GLY A 74 4.25 -13.76 8.05
C GLY A 74 4.44 -14.16 9.49
N ASN A 75 5.23 -13.39 10.24
CA ASN A 75 5.54 -13.65 11.63
C ASN A 75 4.30 -13.47 12.51
N PRO A 76 4.24 -14.28 13.55
CA PRO A 76 3.15 -14.27 14.52
C PRO A 76 3.19 -13.02 15.39
N ASP A 77 2.10 -12.78 16.12
CA ASP A 77 2.09 -11.65 17.04
C ASP A 77 2.45 -12.12 18.45
N VAL A 78 2.18 -13.38 18.73
CA VAL A 78 2.48 -14.01 19.99
C VAL A 78 3.55 -15.09 20.09
N ALA A 79 4.32 -14.89 21.18
CA ALA A 79 5.38 -15.76 21.69
C ALA A 79 6.63 -15.83 20.82
N ASN A 80 7.69 -15.08 21.16
CA ASN A 80 8.92 -15.23 20.40
C ASN A 80 9.54 -16.57 20.73
N TYR A 81 8.92 -17.57 20.09
CA TYR A 81 9.27 -18.99 20.17
C TYR A 81 9.04 -19.66 18.81
N ASN A 82 9.58 -19.06 17.76
CA ASN A 82 9.40 -19.48 16.36
C ASN A 82 10.68 -19.85 15.66
N PHE A 83 11.39 -20.86 16.16
CA PHE A 83 12.62 -21.35 15.60
C PHE A 83 13.82 -20.46 15.78
N PHE A 84 13.81 -19.38 16.55
CA PHE A 84 15.07 -18.62 16.66
C PHE A 84 15.55 -18.73 18.11
N PRO A 85 16.74 -18.22 18.37
CA PRO A 85 17.37 -18.19 19.67
C PRO A 85 16.60 -17.31 20.66
N ARG A 86 16.26 -17.84 21.82
CA ARG A 86 15.45 -17.20 22.84
C ARG A 86 16.06 -15.90 23.35
N LYS A 87 17.35 -15.73 23.19
CA LYS A 87 18.03 -14.45 23.47
C LYS A 87 17.94 -13.60 22.19
N PRO A 88 17.10 -12.58 22.24
CA PRO A 88 16.81 -11.80 21.04
C PRO A 88 17.85 -10.78 20.64
N LYS A 89 19.13 -11.16 20.43
CA LYS A 89 20.01 -10.08 20.04
C LYS A 89 21.36 -10.40 19.50
N TRP A 90 21.60 -10.10 18.22
CA TRP A 90 22.91 -10.27 17.61
C TRP A 90 24.03 -10.01 18.60
N ASP A 91 24.99 -10.94 18.65
CA ASP A 91 26.09 -10.81 19.61
C ASP A 91 27.28 -10.12 18.96
N LYS A 92 27.05 -9.64 17.74
CA LYS A 92 28.07 -8.89 17.01
C LYS A 92 27.47 -7.54 16.60
N ASN A 93 28.31 -6.65 16.13
CA ASN A 93 27.91 -5.32 15.72
C ASN A 93 28.25 -5.07 14.26
N GLN A 94 28.89 -6.00 13.61
CA GLN A 94 29.23 -5.94 12.21
C GLN A 94 28.63 -7.19 11.56
N ILE A 95 27.49 -7.01 10.90
CA ILE A 95 26.73 -8.11 10.34
C ILE A 95 26.81 -8.25 8.84
N THR A 96 26.78 -9.49 8.35
CA THR A 96 26.86 -9.72 6.91
C THR A 96 25.56 -10.27 6.34
N TYR A 97 25.38 -10.03 5.04
CA TYR A 97 24.21 -10.61 4.37
C TYR A 97 24.53 -11.00 2.94
N ARG A 98 23.77 -12.00 2.50
CA ARG A 98 23.96 -12.51 1.13
C ARG A 98 22.62 -12.55 0.41
N ILE A 99 22.59 -11.98 -0.79
CA ILE A 99 21.32 -12.14 -1.54
C ILE A 99 21.46 -13.41 -2.39
N ILE A 100 20.61 -14.34 -1.99
CA ILE A 100 20.57 -15.67 -2.61
C ILE A 100 19.51 -15.71 -3.69
N GLY A 101 18.33 -15.25 -3.32
CA GLY A 101 17.27 -15.18 -4.29
C GLY A 101 17.05 -13.77 -4.84
N TYR A 102 16.55 -13.67 -6.07
CA TYR A 102 16.12 -12.36 -6.58
C TYR A 102 14.64 -12.51 -6.94
N THR A 103 13.98 -11.45 -7.32
CA THR A 103 12.65 -11.50 -7.86
C THR A 103 12.72 -11.07 -9.36
N PRO A 104 11.90 -11.67 -10.20
CA PRO A 104 11.85 -11.30 -11.60
C PRO A 104 11.14 -9.99 -11.82
N ASP A 105 10.40 -9.51 -10.81
CA ASP A 105 9.76 -8.19 -10.98
C ASP A 105 10.76 -7.04 -10.97
N LEU A 106 11.94 -7.13 -10.38
CA LEU A 106 12.87 -6.00 -10.44
C LEU A 106 14.27 -6.35 -10.94
N ASP A 107 14.97 -5.41 -11.53
CA ASP A 107 16.36 -5.60 -11.98
C ASP A 107 17.21 -5.70 -10.71
N PRO A 108 18.31 -6.43 -10.74
CA PRO A 108 19.07 -6.71 -9.52
C PRO A 108 19.49 -5.39 -8.87
N GLU A 109 20.10 -4.48 -9.66
CA GLU A 109 20.45 -3.21 -9.02
C GLU A 109 19.32 -2.68 -8.16
N THR A 110 18.10 -2.69 -8.67
CA THR A 110 16.98 -2.15 -7.88
C THR A 110 16.72 -3.01 -6.68
N VAL A 111 16.83 -4.32 -6.88
CA VAL A 111 16.62 -5.19 -5.72
C VAL A 111 17.75 -5.01 -4.71
N ASP A 112 19.00 -4.99 -5.17
CA ASP A 112 20.09 -4.80 -4.19
C ASP A 112 19.91 -3.51 -3.39
N ASP A 113 19.64 -2.41 -4.06
CA ASP A 113 19.48 -1.07 -3.47
C ASP A 113 18.38 -1.05 -2.45
N ALA A 114 17.22 -1.57 -2.81
CA ALA A 114 16.13 -1.66 -1.82
C ALA A 114 16.62 -2.36 -0.56
N PHE A 115 17.39 -3.44 -0.70
CA PHE A 115 17.78 -4.13 0.53
C PHE A 115 18.69 -3.25 1.37
N ALA A 116 19.68 -2.67 0.70
CA ALA A 116 20.63 -1.78 1.37
C ALA A 116 19.91 -0.62 2.00
N ARG A 117 19.05 0.05 1.23
CA ARG A 117 18.27 1.14 1.83
C ARG A 117 17.55 0.65 3.08
N ALA A 118 17.07 -0.57 3.01
CA ALA A 118 16.35 -1.15 4.14
C ALA A 118 17.27 -1.39 5.33
N PHE A 119 18.51 -1.81 5.09
CA PHE A 119 19.42 -2.03 6.22
C PHE A 119 19.74 -0.67 6.86
N GLN A 120 19.93 0.32 5.99
CA GLN A 120 20.24 1.67 6.41
C GLN A 120 19.21 2.17 7.40
N VAL A 121 17.96 1.79 7.20
CA VAL A 121 16.92 2.12 8.17
C VAL A 121 17.39 1.84 9.59
N TRP A 122 18.14 0.74 9.72
CA TRP A 122 18.63 0.38 11.05
C TRP A 122 20.01 0.91 11.33
N SER A 123 20.99 0.88 10.43
CA SER A 123 22.28 1.50 10.72
C SER A 123 22.16 2.95 11.20
N ASP A 124 21.24 3.72 10.65
CA ASP A 124 21.11 5.11 11.02
C ASP A 124 20.88 5.34 12.50
N VAL A 125 20.11 4.52 13.19
CA VAL A 125 19.84 4.72 14.61
C VAL A 125 20.58 3.72 15.51
N THR A 126 21.64 3.10 15.02
CA THR A 126 22.39 2.14 15.82
C THR A 126 23.83 2.04 15.29
N PRO A 127 24.62 1.27 16.01
CA PRO A 127 26.00 0.99 15.65
C PRO A 127 26.14 -0.32 14.89
N LEU A 128 25.07 -0.72 14.20
CA LEU A 128 25.09 -1.98 13.45
C LEU A 128 25.52 -1.68 12.02
N ARG A 129 26.51 -2.41 11.51
CA ARG A 129 26.90 -2.09 10.12
C ARG A 129 26.92 -3.36 9.28
N PHE A 130 26.09 -3.36 8.21
CA PHE A 130 25.89 -4.58 7.43
C PHE A 130 26.75 -4.67 6.18
N SER A 131 27.28 -5.85 5.88
CA SER A 131 28.12 -5.97 4.69
C SER A 131 27.68 -7.15 3.83
N ARG A 132 27.70 -6.90 2.51
CA ARG A 132 27.12 -7.89 1.61
C ARG A 132 28.16 -8.88 1.14
N ILE A 133 28.02 -10.16 1.43
CA ILE A 133 29.03 -11.12 0.96
C ILE A 133 28.45 -11.96 -0.17
N HIS A 134 29.24 -12.34 -1.16
CA HIS A 134 28.76 -13.14 -2.26
C HIS A 134 28.98 -14.63 -2.17
N ASP A 135 29.81 -15.15 -1.27
CA ASP A 135 29.95 -16.59 -1.11
C ASP A 135 29.64 -17.10 0.28
N GLY A 136 29.58 -18.40 0.52
CA GLY A 136 29.38 -19.03 1.80
C GLY A 136 28.24 -18.49 2.61
N GLU A 137 28.09 -18.91 3.86
CA GLU A 137 26.97 -18.50 4.70
C GLU A 137 27.10 -17.11 5.29
N ALA A 138 26.00 -16.37 5.34
CA ALA A 138 26.02 -15.01 5.85
C ALA A 138 25.11 -14.97 7.09
N ASP A 139 25.16 -13.87 7.80
CA ASP A 139 24.40 -13.83 9.05
C ASP A 139 22.94 -13.87 8.68
N ILE A 140 22.65 -13.02 7.70
CA ILE A 140 21.31 -12.89 7.16
C ILE A 140 21.35 -13.22 5.65
N MET A 141 20.76 -14.35 5.34
CA MET A 141 20.59 -14.76 3.94
C MET A 141 19.17 -14.27 3.54
N ILE A 142 19.09 -13.66 2.39
CA ILE A 142 17.84 -13.14 1.79
C ILE A 142 17.45 -13.96 0.56
N ASN A 143 16.25 -14.49 0.52
CA ASN A 143 15.79 -15.23 -0.65
C ASN A 143 14.39 -14.83 -1.08
N PHE A 144 13.95 -15.33 -2.22
CA PHE A 144 12.54 -15.12 -2.57
C PHE A 144 11.96 -16.50 -2.82
N GLY A 145 10.89 -16.87 -2.10
CA GLY A 145 10.39 -18.20 -2.44
C GLY A 145 8.87 -18.25 -2.51
N ARG A 146 8.37 -19.48 -2.62
CA ARG A 146 6.96 -19.74 -2.74
C ARG A 146 6.33 -20.41 -1.55
N TRP A 147 5.16 -20.96 -1.81
CA TRP A 147 4.42 -21.55 -0.71
C TRP A 147 5.35 -22.27 0.26
N GLU A 148 5.78 -23.46 -0.12
CA GLU A 148 6.67 -24.20 0.80
C GLU A 148 8.09 -23.90 0.43
N HIS A 149 8.79 -23.02 1.14
CA HIS A 149 10.10 -22.69 0.66
C HIS A 149 11.25 -23.44 1.30
N GLY A 150 10.99 -24.33 2.26
CA GLY A 150 11.93 -25.22 2.85
C GLY A 150 12.28 -25.13 4.31
N ASP A 151 11.68 -24.26 5.09
CA ASP A 151 11.99 -24.12 6.49
C ASP A 151 10.73 -24.39 7.31
N GLY A 152 9.66 -24.66 6.60
CA GLY A 152 8.50 -25.26 7.21
C GLY A 152 7.37 -24.33 7.49
N TYR A 153 7.46 -23.17 6.85
CA TYR A 153 6.49 -22.08 7.11
C TYR A 153 5.87 -21.66 5.82
N PRO A 154 4.86 -22.39 5.33
CA PRO A 154 4.38 -22.30 3.98
C PRO A 154 3.88 -20.93 3.60
N PHE A 155 4.26 -20.29 2.49
CA PHE A 155 3.60 -19.04 2.10
C PHE A 155 2.31 -19.33 1.37
N ASP A 156 1.32 -18.47 1.36
CA ASP A 156 0.21 -18.81 0.42
C ASP A 156 0.10 -17.66 -0.56
N GLY A 157 0.33 -17.97 -1.79
CA GLY A 157 0.26 -17.14 -2.93
C GLY A 157 0.04 -15.66 -2.84
N LYS A 158 -0.50 -14.99 -3.85
CA LYS A 158 -0.59 -13.54 -3.90
C LYS A 158 -1.29 -12.89 -2.71
N ASP A 159 -0.79 -11.70 -2.35
CA ASP A 159 -1.38 -10.93 -1.25
C ASP A 159 -1.32 -11.65 0.08
N GLY A 160 -2.10 -11.33 1.10
CA GLY A 160 -1.96 -12.06 2.37
C GLY A 160 -0.55 -11.93 2.96
N LEU A 161 0.10 -13.05 3.32
CA LEU A 161 1.41 -12.95 3.94
C LEU A 161 2.45 -12.39 3.00
N LEU A 162 3.27 -11.37 3.32
CA LEU A 162 4.22 -10.88 2.32
C LEU A 162 5.61 -11.44 2.45
N ALA A 163 6.06 -11.66 3.70
CA ALA A 163 7.42 -12.12 4.00
C ALA A 163 7.54 -12.55 5.45
N HIS A 164 8.66 -13.19 5.79
CA HIS A 164 8.92 -13.64 7.15
C HIS A 164 10.42 -13.72 7.37
N ALA A 165 10.86 -13.22 8.51
CA ALA A 165 12.32 -13.27 8.78
C ALA A 165 12.52 -13.97 10.13
N PHE A 166 13.62 -14.66 10.30
CA PHE A 166 13.91 -15.42 11.53
C PHE A 166 14.85 -14.64 12.45
N ALA A 167 14.64 -14.70 13.76
CA ALA A 167 15.49 -13.99 14.72
C ALA A 167 16.95 -14.39 14.74
N PRO A 168 17.76 -13.48 15.30
CA PRO A 168 19.22 -13.65 15.22
C PRO A 168 19.54 -14.96 15.91
N GLY A 169 20.39 -15.74 15.25
CA GLY A 169 20.70 -17.05 15.78
C GLY A 169 21.60 -17.80 14.81
N THR A 170 21.53 -19.12 14.96
CA THR A 170 22.38 -19.99 14.15
C THR A 170 21.56 -20.49 12.96
N GLY A 171 22.24 -20.80 11.87
CA GLY A 171 21.59 -21.33 10.69
C GLY A 171 20.53 -20.46 10.08
N VAL A 172 19.27 -20.76 10.31
CA VAL A 172 18.19 -20.02 9.68
C VAL A 172 17.94 -18.68 10.33
N GLY A 173 18.61 -18.43 11.46
CA GLY A 173 18.52 -17.20 12.21
C GLY A 173 19.02 -15.97 11.45
N GLY A 174 18.15 -14.97 11.43
CA GLY A 174 18.37 -13.67 10.81
C GLY A 174 17.91 -13.61 9.37
N ASP A 175 17.65 -14.81 8.85
CA ASP A 175 17.34 -15.04 7.45
C ASP A 175 15.99 -14.47 7.06
N SER A 176 15.98 -13.73 5.95
CA SER A 176 14.76 -13.08 5.47
C SER A 176 14.25 -13.63 4.14
N HIS A 177 12.96 -13.95 4.18
CA HIS A 177 12.23 -14.49 3.07
C HIS A 177 11.08 -13.60 2.60
N PHE A 178 11.03 -13.41 1.27
CA PHE A 178 9.91 -12.63 0.71
C PHE A 178 9.15 -13.53 -0.27
N ASP A 179 7.83 -13.48 -0.17
CA ASP A 179 6.93 -14.22 -0.99
C ASP A 179 7.07 -13.89 -2.48
N ASP A 180 7.43 -14.94 -3.24
CA ASP A 180 7.62 -14.72 -4.66
C ASP A 180 6.30 -14.58 -5.41
N ASP A 181 5.17 -14.95 -4.83
CA ASP A 181 3.95 -14.75 -5.57
C ASP A 181 3.49 -13.33 -5.42
N GLU A 182 4.24 -12.43 -4.81
CA GLU A 182 3.73 -11.05 -4.82
C GLU A 182 4.32 -10.33 -6.01
N LEU A 183 3.78 -9.13 -6.30
CA LEU A 183 4.62 -8.46 -7.32
C LEU A 183 5.41 -7.35 -6.65
N TRP A 184 6.76 -7.44 -6.61
CA TRP A 184 7.52 -6.48 -5.83
C TRP A 184 7.73 -5.19 -6.54
N THR A 185 6.93 -4.20 -6.19
CA THR A 185 7.11 -2.88 -6.83
C THR A 185 7.84 -1.99 -5.86
N LEU A 186 8.07 -0.73 -6.21
CA LEU A 186 8.74 0.15 -5.24
C LEU A 186 7.69 0.69 -4.28
N GLY A 187 6.49 0.16 -4.39
CA GLY A 187 5.40 0.50 -3.47
C GLY A 187 4.30 1.17 -4.28
N GLU A 188 4.71 1.81 -5.39
CA GLU A 188 3.74 2.64 -6.08
C GLU A 188 3.40 2.11 -7.46
N GLY A 189 3.52 0.79 -7.66
CA GLY A 189 3.08 0.37 -9.02
C GLY A 189 4.12 -0.42 -9.74
N GLN A 190 3.81 -1.10 -10.86
CA GLN A 190 4.92 -1.93 -11.33
C GLN A 190 6.17 -1.12 -11.63
N VAL A 191 7.35 -1.57 -11.23
CA VAL A 191 8.59 -0.95 -11.55
C VAL A 191 9.33 -1.76 -12.63
N VAL A 192 9.53 -1.18 -13.77
CA VAL A 192 10.27 -1.78 -14.83
C VAL A 192 11.44 -0.91 -15.25
N ARG A 193 12.55 -1.58 -15.56
CA ARG A 193 13.74 -0.77 -15.88
C ARG A 193 14.01 -1.01 -17.35
N VAL A 194 13.83 0.04 -18.06
CA VAL A 194 13.98 0.02 -19.50
C VAL A 194 15.31 -0.49 -19.98
N LYS A 195 15.26 -1.15 -21.13
CA LYS A 195 16.35 -1.89 -21.69
C LYS A 195 17.15 -1.18 -22.72
N TYR A 196 16.66 -0.50 -23.73
CA TYR A 196 17.65 0.12 -24.64
C TYR A 196 17.05 1.41 -25.14
N GLY A 197 17.72 2.15 -26.01
CA GLY A 197 17.14 3.38 -26.55
C GLY A 197 17.58 4.55 -25.70
N ASN A 198 16.86 5.67 -25.95
CA ASN A 198 17.23 6.90 -25.26
C ASN A 198 16.80 6.99 -23.82
N ALA A 199 16.33 5.95 -23.23
CA ALA A 199 15.93 5.90 -21.84
C ALA A 199 16.48 4.62 -21.22
N ASP A 200 17.60 4.12 -21.73
CA ASP A 200 18.14 2.85 -21.23
C ASP A 200 18.20 2.72 -19.74
N GLY A 201 18.61 3.71 -18.98
CA GLY A 201 18.57 3.49 -17.54
C GLY A 201 17.29 3.61 -16.78
N GLU A 202 16.29 4.35 -17.27
CA GLU A 202 15.13 4.73 -16.50
C GLU A 202 14.04 3.68 -16.40
N TYR A 203 13.11 3.99 -15.51
CA TYR A 203 11.99 3.10 -15.24
C TYR A 203 10.82 3.37 -16.14
N CYS A 204 9.97 2.39 -16.46
CA CYS A 204 8.86 2.85 -17.37
C CYS A 204 8.04 3.86 -16.56
N LYS A 205 7.24 4.71 -17.18
CA LYS A 205 6.40 5.59 -16.37
C LYS A 205 4.94 5.20 -16.51
N PHE A 206 4.39 4.48 -15.53
CA PHE A 206 3.03 4.04 -15.73
C PHE A 206 2.06 4.89 -14.94
N PRO A 207 0.98 5.35 -15.54
CA PRO A 207 0.60 5.21 -16.91
C PRO A 207 1.34 6.14 -17.84
N PHE A 208 1.39 5.84 -19.13
CA PHE A 208 1.92 6.79 -20.13
C PHE A 208 0.97 6.90 -21.30
N LEU A 209 0.86 8.05 -21.95
CA LEU A 209 -0.19 8.18 -22.98
C LEU A 209 0.40 8.12 -24.37
N PHE A 210 -0.12 7.13 -25.11
CA PHE A 210 0.27 6.92 -26.49
C PHE A 210 -0.97 6.75 -27.38
N ASN A 211 -1.03 7.61 -28.42
CA ASN A 211 -2.16 7.52 -29.33
C ASN A 211 -3.45 7.51 -28.57
N GLY A 212 -3.81 8.29 -27.57
CA GLY A 212 -5.25 8.07 -27.26
C GLY A 212 -5.47 6.99 -26.24
N LYS A 213 -4.46 6.23 -25.82
CA LYS A 213 -4.70 5.22 -24.77
C LYS A 213 -3.63 5.41 -23.72
N GLU A 214 -4.00 5.28 -22.44
CA GLU A 214 -2.90 5.27 -21.45
C GLU A 214 -2.50 3.78 -21.24
N TYR A 215 -1.23 3.49 -21.07
CA TYR A 215 -0.72 2.17 -20.82
C TYR A 215 -0.25 2.05 -19.38
N ASN A 216 -0.59 0.92 -18.74
CA ASN A 216 -0.22 0.80 -17.32
C ASN A 216 0.69 -0.41 -17.11
N SER A 217 1.24 -0.79 -18.22
CA SER A 217 2.17 -1.86 -18.40
C SER A 217 2.81 -1.70 -19.79
N CYS A 218 3.85 -2.47 -20.09
CA CYS A 218 4.59 -2.21 -21.31
C CYS A 218 3.78 -2.84 -22.44
N THR A 219 3.89 -2.33 -23.65
CA THR A 219 3.08 -2.74 -24.78
C THR A 219 3.93 -2.85 -26.04
N ASP A 220 3.38 -3.69 -26.93
CA ASP A 220 3.97 -3.75 -28.26
C ASP A 220 3.05 -3.01 -29.22
N THR A 221 2.07 -2.32 -28.62
CA THR A 221 1.20 -1.49 -29.42
C THR A 221 2.10 -0.54 -30.21
N GLY A 222 1.80 -0.30 -31.48
CA GLY A 222 2.62 0.55 -32.33
C GLY A 222 3.76 -0.21 -32.96
N ARG A 223 4.31 -1.22 -32.30
CA ARG A 223 5.44 -1.94 -32.83
C ARG A 223 4.99 -2.93 -33.89
N SER A 224 5.95 -3.32 -34.71
CA SER A 224 5.68 -4.40 -35.68
C SER A 224 6.39 -5.69 -35.27
N ASP A 225 7.54 -5.60 -34.60
CA ASP A 225 8.40 -6.70 -34.27
C ASP A 225 8.13 -7.41 -32.98
N GLY A 226 6.99 -7.17 -32.38
CA GLY A 226 6.59 -7.86 -31.19
C GLY A 226 7.35 -7.39 -29.96
N PHE A 227 8.27 -6.45 -30.10
CA PHE A 227 8.99 -6.06 -28.87
C PHE A 227 8.14 -5.25 -27.92
N LEU A 228 8.35 -5.37 -26.62
CA LEU A 228 7.65 -4.54 -25.65
C LEU A 228 8.34 -3.20 -25.41
N TRP A 229 7.62 -2.14 -25.02
CA TRP A 229 8.25 -0.85 -24.73
C TRP A 229 7.36 -0.04 -23.79
N CYS A 230 7.88 1.05 -23.24
CA CYS A 230 7.14 1.98 -22.40
C CYS A 230 7.83 3.34 -22.52
N SER A 231 7.22 4.46 -22.11
CA SER A 231 8.05 5.66 -22.07
C SER A 231 8.44 5.98 -20.63
N THR A 232 9.44 6.80 -20.40
CA THR A 232 9.92 7.34 -19.15
C THR A 232 8.95 8.35 -18.53
N THR A 233 8.19 9.00 -19.40
CA THR A 233 7.37 10.14 -19.00
C THR A 233 5.95 9.86 -19.42
N TYR A 234 5.02 10.67 -18.95
CA TYR A 234 3.63 10.43 -19.30
C TYR A 234 3.35 10.78 -20.75
N ASN A 235 3.88 11.92 -21.13
CA ASN A 235 3.52 12.40 -22.48
C ASN A 235 4.49 11.95 -23.53
N PHE A 236 4.20 10.78 -24.12
CA PHE A 236 5.16 10.21 -25.05
C PHE A 236 5.28 11.03 -26.31
N GLU A 237 4.14 11.52 -26.77
CA GLU A 237 4.07 12.36 -27.95
C GLU A 237 4.99 13.57 -27.82
N LYS A 238 4.95 14.22 -26.66
CA LYS A 238 5.78 15.43 -26.48
C LYS A 238 7.19 15.10 -26.06
N ASP A 239 7.39 14.39 -24.96
CA ASP A 239 8.72 14.06 -24.46
C ASP A 239 9.43 13.10 -25.38
N GLY A 240 8.81 12.03 -25.86
CA GLY A 240 9.38 11.09 -26.79
C GLY A 240 10.52 10.19 -26.36
N LYS A 241 10.63 9.91 -25.06
CA LYS A 241 11.70 9.02 -24.61
C LYS A 241 11.09 7.68 -24.18
N TYR A 242 11.74 6.62 -24.66
CA TYR A 242 11.29 5.29 -24.35
C TYR A 242 12.50 4.37 -24.25
N GLY A 243 12.25 3.11 -23.95
CA GLY A 243 13.15 2.01 -24.10
C GLY A 243 12.38 0.69 -24.21
N PHE A 244 13.10 -0.39 -24.45
CA PHE A 244 12.40 -1.69 -24.56
C PHE A 244 12.29 -2.33 -23.20
N CYS A 245 11.15 -2.91 -22.87
CA CYS A 245 11.00 -3.57 -21.59
C CYS A 245 11.48 -5.03 -21.70
N PRO A 246 12.22 -5.46 -20.68
CA PRO A 246 12.80 -6.75 -20.65
C PRO A 246 11.80 -7.91 -20.62
N HIS A 247 12.04 -8.89 -21.46
CA HIS A 247 11.25 -10.12 -21.49
C HIS A 247 12.03 -11.18 -22.24
N GLU A 248 12.27 -12.33 -21.59
CA GLU A 248 13.20 -13.30 -22.18
C GLU A 248 12.60 -13.99 -23.38
N ALA A 249 11.37 -13.70 -23.73
CA ALA A 249 10.78 -14.29 -24.94
C ALA A 249 11.28 -13.42 -26.10
N LEU A 250 11.70 -12.20 -25.81
CA LEU A 250 12.05 -11.30 -26.93
C LEU A 250 13.57 -11.19 -27.10
N PHE A 251 14.23 -11.10 -25.96
CA PHE A 251 15.66 -10.91 -25.88
C PHE A 251 16.22 -11.29 -24.51
N THR A 252 17.54 -11.30 -24.39
CA THR A 252 18.24 -11.63 -23.16
C THR A 252 19.49 -10.74 -23.08
N MET A 253 20.12 -10.73 -21.95
CA MET A 253 21.25 -9.84 -21.67
C MET A 253 22.53 -10.66 -21.47
N GLY A 254 23.62 -10.14 -22.01
CA GLY A 254 24.95 -10.74 -21.92
C GLY A 254 24.90 -12.25 -22.20
N GLY A 255 25.80 -13.02 -21.56
CA GLY A 255 25.82 -14.46 -21.88
C GLY A 255 26.53 -14.45 -23.25
N ASN A 256 26.33 -15.39 -24.14
CA ASN A 256 27.04 -15.44 -25.40
C ASN A 256 26.05 -15.46 -26.57
N ALA A 257 24.76 -15.48 -26.25
CA ALA A 257 23.71 -15.55 -27.23
C ALA A 257 23.48 -14.26 -27.98
N GLU A 258 24.09 -13.15 -27.53
CA GLU A 258 24.05 -11.90 -28.28
C GLU A 258 22.65 -11.33 -28.46
N GLY A 259 21.90 -11.34 -27.38
CA GLY A 259 20.69 -10.67 -27.06
C GLY A 259 19.46 -11.44 -27.48
N GLN A 260 19.72 -12.63 -28.04
CA GLN A 260 18.60 -13.41 -28.53
C GLN A 260 17.82 -13.99 -27.33
N PRO A 261 16.62 -14.40 -27.71
CA PRO A 261 15.64 -14.84 -26.76
C PRO A 261 15.96 -16.20 -26.22
N CYS A 262 15.49 -16.49 -25.01
CA CYS A 262 15.70 -17.84 -24.48
C CYS A 262 15.12 -18.83 -25.46
N LYS A 263 15.37 -20.13 -25.41
CA LYS A 263 14.58 -21.02 -26.31
C LYS A 263 13.82 -21.93 -25.35
N PHE A 264 12.50 -21.95 -25.44
CA PHE A 264 11.80 -22.73 -24.39
C PHE A 264 11.23 -23.98 -24.94
N PRO A 265 11.31 -25.18 -24.43
CA PRO A 265 12.20 -25.66 -23.42
C PRO A 265 13.60 -25.82 -24.01
N PHE A 266 14.57 -25.93 -23.13
CA PHE A 266 15.99 -26.00 -23.39
C PHE A 266 16.56 -27.03 -22.41
N ARG A 267 17.27 -28.01 -22.96
CA ARG A 267 17.73 -29.13 -22.12
C ARG A 267 19.01 -28.73 -21.40
N PHE A 268 19.04 -28.83 -20.07
CA PHE A 268 20.28 -28.49 -19.43
C PHE A 268 21.02 -29.74 -19.03
N GLN A 269 20.51 -30.53 -18.09
CA GLN A 269 21.48 -31.71 -18.00
C GLN A 269 20.62 -32.93 -18.06
N GLY A 270 19.68 -33.01 -17.16
CA GLY A 270 18.71 -34.08 -17.03
C GLY A 270 17.32 -33.46 -17.02
N THR A 271 17.29 -32.12 -17.18
CA THR A 271 16.02 -31.45 -17.19
C THR A 271 15.76 -30.59 -18.40
N SER A 272 14.44 -30.48 -18.72
CA SER A 272 14.14 -29.52 -19.80
C SER A 272 13.55 -28.29 -19.08
N TYR A 273 14.15 -27.14 -19.32
CA TYR A 273 13.59 -25.95 -18.67
C TYR A 273 12.65 -25.14 -19.54
N ASP A 274 11.49 -24.80 -19.03
CA ASP A 274 10.47 -24.02 -19.71
C ASP A 274 10.49 -22.56 -19.27
N SER A 275 11.53 -22.07 -18.64
CA SER A 275 11.70 -20.75 -18.10
C SER A 275 13.19 -20.60 -17.71
N CYS A 276 13.61 -19.41 -17.34
CA CYS A 276 15.03 -19.30 -16.95
C CYS A 276 15.11 -19.95 -15.57
N THR A 277 16.25 -20.43 -15.13
CA THR A 277 16.54 -21.03 -13.84
C THR A 277 17.80 -20.36 -13.27
N THR A 278 18.12 -20.69 -12.04
CA THR A 278 19.35 -20.26 -11.38
C THR A 278 20.16 -21.53 -11.10
N GLU A 279 19.62 -22.66 -11.61
CA GLU A 279 20.38 -23.91 -11.46
C GLU A 279 21.75 -23.74 -12.11
N GLY A 280 22.81 -24.14 -11.42
CA GLY A 280 24.15 -24.12 -11.97
C GLY A 280 24.84 -22.84 -11.52
N ARG A 281 24.16 -22.07 -10.69
CA ARG A 281 24.63 -20.71 -10.40
C ARG A 281 24.54 -20.36 -8.93
N THR A 282 25.38 -19.39 -8.52
CA THR A 282 25.44 -18.97 -7.14
C THR A 282 24.96 -17.54 -6.92
N ASP A 283 25.12 -16.72 -7.94
CA ASP A 283 24.76 -15.33 -7.91
C ASP A 283 23.26 -15.13 -7.86
N GLY A 284 22.47 -16.13 -8.16
CA GLY A 284 21.01 -16.09 -8.14
C GLY A 284 20.50 -15.40 -9.42
N TYR A 285 21.32 -15.44 -10.47
CA TYR A 285 20.84 -14.81 -11.69
C TYR A 285 20.01 -15.73 -12.56
N ARG A 286 18.80 -15.34 -13.01
CA ARG A 286 18.06 -16.29 -13.86
C ARG A 286 18.86 -16.40 -15.18
N TRP A 287 18.79 -17.56 -15.81
CA TRP A 287 19.49 -17.69 -17.11
C TRP A 287 18.77 -18.70 -17.98
N CYS A 288 19.18 -18.88 -19.24
CA CYS A 288 18.47 -19.88 -20.04
C CYS A 288 19.24 -20.22 -21.29
N GLY A 289 19.02 -21.44 -21.81
CA GLY A 289 19.67 -21.71 -23.08
C GLY A 289 18.84 -20.95 -24.14
N THR A 290 19.59 -20.45 -25.08
CA THR A 290 19.06 -19.67 -26.20
C THR A 290 18.84 -20.58 -27.38
N THR A 291 19.10 -21.84 -27.16
CA THR A 291 18.93 -22.86 -28.22
C THR A 291 18.35 -24.03 -27.43
N GLU A 292 17.67 -24.97 -28.02
CA GLU A 292 17.06 -26.04 -27.22
C GLU A 292 17.99 -27.01 -26.54
N ASP A 293 19.27 -27.07 -26.88
CA ASP A 293 20.13 -28.04 -26.18
C ASP A 293 21.31 -27.23 -25.64
N TYR A 294 21.15 -26.74 -24.41
CA TYR A 294 22.18 -25.82 -23.96
C TYR A 294 23.50 -26.55 -23.87
N ASP A 295 23.47 -27.86 -23.56
CA ASP A 295 24.78 -28.51 -23.48
C ASP A 295 25.35 -28.59 -24.89
N ARG A 296 24.52 -29.10 -25.77
CA ARG A 296 24.97 -29.32 -27.14
C ARG A 296 25.44 -28.03 -27.78
N ASP A 297 24.76 -26.90 -27.66
CA ASP A 297 25.23 -25.69 -28.33
C ASP A 297 25.89 -24.71 -27.40
N LYS A 298 25.63 -24.83 -26.10
CA LYS A 298 26.16 -23.86 -25.15
C LYS A 298 25.87 -22.41 -25.45
N LYS A 299 24.73 -21.98 -25.96
CA LYS A 299 24.34 -20.60 -26.16
C LYS A 299 23.36 -20.10 -25.08
N TYR A 300 23.76 -19.19 -24.20
CA TYR A 300 23.07 -18.77 -23.03
C TYR A 300 23.05 -17.23 -22.98
N GLY A 301 22.08 -16.67 -22.26
CA GLY A 301 21.86 -15.24 -22.10
C GLY A 301 21.20 -15.17 -20.71
N PHE A 302 21.22 -14.07 -20.00
CA PHE A 302 20.66 -13.91 -18.67
C PHE A 302 19.31 -13.18 -18.81
N CYS A 303 18.48 -13.36 -17.78
CA CYS A 303 17.11 -12.91 -17.69
C CYS A 303 16.91 -12.05 -16.46
N PRO A 304 17.42 -10.83 -16.43
CA PRO A 304 17.48 -10.02 -15.27
C PRO A 304 16.18 -9.52 -14.70
N GLU A 305 15.23 -9.34 -15.59
CA GLU A 305 13.96 -8.71 -15.23
C GLU A 305 12.92 -9.15 -16.27
N THR A 306 11.68 -9.19 -15.80
CA THR A 306 10.66 -9.65 -16.74
C THR A 306 9.47 -8.72 -16.58
N ALA A 307 9.13 -7.93 -17.59
CA ALA A 307 7.95 -7.07 -17.50
C ALA A 307 6.66 -7.89 -17.48
N MET A 308 5.77 -7.64 -16.58
CA MET A 308 4.52 -8.36 -16.47
C MET A 308 3.36 -7.58 -17.06
N SER A 309 2.34 -8.30 -17.49
CA SER A 309 1.17 -7.69 -18.08
C SER A 309 -0.13 -8.20 -17.43
N THR A 310 -0.21 -9.49 -17.20
CA THR A 310 -1.29 -10.22 -16.60
C THR A 310 -0.73 -11.10 -15.48
N VAL A 311 -1.55 -11.17 -14.44
CA VAL A 311 -1.17 -12.05 -13.35
C VAL A 311 -2.33 -13.00 -13.11
N GLY A 312 -2.08 -14.25 -12.85
CA GLY A 312 -3.09 -15.24 -12.64
C GLY A 312 -4.07 -15.42 -13.77
N GLY A 313 -5.32 -15.76 -13.45
CA GLY A 313 -6.36 -15.94 -14.46
C GLY A 313 -5.96 -17.16 -15.29
N ASN A 314 -6.29 -17.27 -16.56
CA ASN A 314 -5.88 -18.42 -17.32
C ASN A 314 -4.96 -18.07 -18.47
N SER A 315 -4.61 -16.85 -18.73
CA SER A 315 -3.90 -16.49 -19.94
C SER A 315 -2.39 -16.61 -19.79
N GLU A 316 -1.96 -17.05 -18.62
CA GLU A 316 -0.55 -17.25 -18.35
C GLU A 316 0.22 -15.98 -18.56
N GLY A 317 -0.39 -14.86 -18.16
CA GLY A 317 0.37 -13.60 -18.23
C GLY A 317 0.29 -12.98 -19.61
N ALA A 318 -0.65 -13.46 -20.41
CA ALA A 318 -0.76 -12.85 -21.75
C ALA A 318 -1.14 -11.39 -21.51
N PRO A 319 -0.87 -10.53 -22.46
CA PRO A 319 -1.16 -9.09 -22.36
C PRO A 319 -2.64 -8.82 -22.51
N CYS A 320 -3.15 -7.67 -22.06
CA CYS A 320 -4.58 -7.48 -22.26
C CYS A 320 -4.81 -7.09 -23.73
N VAL A 321 -6.10 -7.11 -24.07
CA VAL A 321 -6.52 -6.70 -25.41
C VAL A 321 -7.59 -5.63 -25.26
N PHE A 322 -7.33 -4.54 -25.98
CA PHE A 322 -8.23 -3.38 -25.85
C PHE A 322 -8.56 -2.91 -27.24
N PRO A 323 -9.82 -2.64 -27.52
CA PRO A 323 -10.91 -2.81 -26.59
C PRO A 323 -11.30 -4.29 -26.55
N PHE A 324 -11.92 -4.70 -25.47
CA PHE A 324 -12.35 -6.09 -25.30
C PHE A 324 -13.80 -6.13 -24.93
N THR A 325 -14.51 -7.18 -25.40
CA THR A 325 -15.96 -7.08 -25.10
C THR A 325 -16.26 -8.11 -24.06
N PHE A 326 -16.94 -7.68 -23.00
CA PHE A 326 -17.24 -8.61 -21.91
C PHE A 326 -18.71 -8.39 -21.59
N LEU A 327 -19.47 -9.47 -21.61
CA LEU A 327 -20.92 -9.39 -21.41
C LEU A 327 -21.56 -8.31 -22.25
N GLY A 328 -21.26 -8.26 -23.55
CA GLY A 328 -21.98 -7.33 -24.41
C GLY A 328 -21.60 -5.90 -24.23
N ASN A 329 -20.54 -5.62 -23.47
CA ASN A 329 -20.11 -4.21 -23.39
C ASN A 329 -18.63 -4.11 -23.72
N LYS A 330 -18.18 -2.95 -24.22
CA LYS A 330 -16.76 -2.86 -24.56
C LYS A 330 -16.05 -2.16 -23.40
N TYR A 331 -14.91 -2.67 -23.04
CA TYR A 331 -13.96 -2.23 -22.04
C TYR A 331 -12.63 -1.89 -22.74
N GLU A 332 -12.11 -0.68 -22.47
CA GLU A 332 -10.88 -0.18 -23.03
C GLU A 332 -9.80 -0.04 -21.93
N SER A 333 -10.13 -0.47 -20.75
CA SER A 333 -9.27 -0.46 -19.59
C SER A 333 -9.70 -1.63 -18.69
N CYS A 334 -8.88 -2.03 -17.73
CA CYS A 334 -9.29 -3.16 -16.87
C CYS A 334 -10.50 -2.82 -16.03
N THR A 335 -11.50 -3.65 -15.87
CA THR A 335 -12.58 -3.33 -14.97
C THR A 335 -12.80 -4.43 -13.98
N SER A 336 -13.77 -4.27 -13.11
CA SER A 336 -14.09 -5.31 -12.15
C SER A 336 -15.42 -5.97 -12.50
N ALA A 337 -15.90 -5.79 -13.73
CA ALA A 337 -17.18 -6.40 -14.06
C ALA A 337 -17.18 -7.89 -13.78
N GLY A 338 -18.08 -8.36 -12.94
CA GLY A 338 -18.32 -9.74 -12.65
C GLY A 338 -17.71 -10.23 -11.35
N ARG A 339 -16.69 -9.50 -10.91
CA ARG A 339 -15.95 -9.78 -9.68
C ARG A 339 -16.60 -8.94 -8.57
N SER A 340 -16.83 -9.54 -7.41
CA SER A 340 -17.42 -8.79 -6.29
C SER A 340 -16.34 -8.33 -5.32
N ASP A 341 -15.08 -8.52 -5.69
CA ASP A 341 -13.98 -8.21 -4.79
C ASP A 341 -13.17 -7.01 -5.21
N GLY A 342 -13.68 -6.20 -6.14
CA GLY A 342 -13.00 -5.02 -6.59
C GLY A 342 -11.68 -5.26 -7.29
N LYS A 343 -11.22 -6.50 -7.44
CA LYS A 343 -9.98 -6.78 -8.15
C LYS A 343 -10.22 -6.49 -9.63
N MET A 344 -9.26 -5.88 -10.27
CA MET A 344 -9.24 -5.50 -11.67
C MET A 344 -8.58 -6.52 -12.58
N TRP A 345 -9.30 -6.86 -13.64
CA TRP A 345 -8.83 -7.83 -14.65
C TRP A 345 -9.18 -7.35 -16.06
N CYS A 346 -8.70 -8.07 -17.06
CA CYS A 346 -9.05 -7.73 -18.44
C CYS A 346 -9.05 -9.01 -19.27
N ALA A 347 -9.71 -8.95 -20.42
CA ALA A 347 -9.62 -10.14 -21.28
C ALA A 347 -8.26 -10.12 -21.97
N THR A 348 -7.79 -11.29 -22.34
CA THR A 348 -6.59 -11.33 -23.16
C THR A 348 -6.99 -11.64 -24.60
N THR A 349 -8.24 -11.38 -25.00
CA THR A 349 -8.54 -11.52 -26.42
C THR A 349 -9.54 -10.44 -26.83
N ALA A 350 -9.93 -10.33 -28.10
CA ALA A 350 -10.87 -9.22 -28.34
C ALA A 350 -12.22 -9.42 -27.71
N ASN A 351 -12.51 -10.66 -27.30
CA ASN A 351 -13.88 -10.94 -26.83
C ASN A 351 -13.92 -11.94 -25.73
N TYR A 352 -14.50 -11.60 -24.58
CA TYR A 352 -14.35 -12.60 -23.50
C TYR A 352 -15.42 -13.66 -23.65
N ASP A 353 -16.55 -13.17 -24.11
CA ASP A 353 -17.77 -13.90 -24.37
C ASP A 353 -17.44 -15.09 -25.28
N ASP A 354 -16.73 -14.83 -26.37
CA ASP A 354 -16.32 -15.96 -27.19
C ASP A 354 -15.20 -16.80 -26.63
N ASP A 355 -14.17 -16.24 -25.99
CA ASP A 355 -12.98 -17.04 -25.69
C ASP A 355 -12.80 -17.42 -24.23
N ARG A 356 -13.39 -16.62 -23.34
CA ARG A 356 -13.24 -16.72 -21.91
C ARG A 356 -11.81 -16.70 -21.42
N LYS A 357 -10.94 -15.91 -22.04
CA LYS A 357 -9.57 -15.81 -21.57
C LYS A 357 -9.33 -14.44 -20.93
N TRP A 358 -8.82 -14.45 -19.70
CA TRP A 358 -8.61 -13.19 -19.00
C TRP A 358 -7.44 -13.31 -18.03
N GLY A 359 -7.19 -12.25 -17.30
CA GLY A 359 -6.07 -12.19 -16.38
C GLY A 359 -6.14 -10.96 -15.52
N PHE A 360 -5.49 -10.97 -14.37
CA PHE A 360 -5.56 -9.79 -13.50
C PHE A 360 -4.52 -8.78 -13.95
N CYS A 361 -4.80 -7.50 -13.88
CA CYS A 361 -3.80 -6.50 -14.27
C CYS A 361 -2.92 -6.14 -13.10
N PRO A 362 -1.71 -5.70 -13.36
CA PRO A 362 -0.80 -5.36 -12.28
C PRO A 362 -1.44 -4.35 -11.34
N ASP A 363 -1.28 -4.54 -10.05
CA ASP A 363 -1.80 -3.67 -9.00
C ASP A 363 -0.64 -2.87 -8.41
N GLN A 364 -0.80 -2.22 -7.26
CA GLN A 364 0.30 -1.38 -6.77
C GLN A 364 1.44 -2.19 -6.26
N GLY A 365 1.19 -3.47 -5.92
CA GLY A 365 2.33 -4.30 -5.48
C GLY A 365 2.64 -3.91 -4.05
N TYR A 366 3.80 -4.26 -3.55
CA TYR A 366 4.30 -3.93 -2.23
C TYR A 366 5.80 -3.54 -2.40
N SER A 367 6.21 -2.45 -1.74
CA SER A 367 7.60 -2.06 -1.78
C SER A 367 8.50 -3.13 -1.16
N LEU A 368 9.55 -3.51 -1.87
CA LEU A 368 10.46 -4.49 -1.26
C LEU A 368 11.21 -3.73 -0.16
N PHE A 369 11.39 -2.44 -0.47
CA PHE A 369 12.09 -1.58 0.50
C PHE A 369 11.37 -1.69 1.84
N LEU A 370 10.11 -1.28 1.86
CA LEU A 370 9.46 -1.27 3.19
C LEU A 370 9.51 -2.68 3.70
N VAL A 371 8.93 -3.63 2.99
CA VAL A 371 8.86 -5.01 3.45
C VAL A 371 10.21 -5.51 3.92
N ALA A 372 11.26 -5.12 3.21
CA ALA A 372 12.59 -5.54 3.68
C ALA A 372 12.92 -4.90 5.03
N ALA A 373 12.85 -3.56 5.10
CA ALA A 373 13.20 -2.86 6.32
C ALA A 373 12.44 -3.47 7.49
N HIS A 374 11.16 -3.76 7.33
CA HIS A 374 10.45 -4.41 8.45
C HIS A 374 10.98 -5.79 8.78
N ALA A 375 11.20 -6.59 7.78
CA ALA A 375 11.63 -7.98 8.01
C ALA A 375 13.00 -7.93 8.70
N PHE A 376 13.82 -7.00 8.23
CA PHE A 376 15.17 -6.84 8.77
C PHE A 376 15.17 -6.49 10.23
N GLY A 377 14.10 -5.89 10.72
CA GLY A 377 13.94 -5.56 12.14
C GLY A 377 13.76 -6.89 12.90
N HIS A 378 13.10 -7.81 12.17
CA HIS A 378 12.94 -9.13 12.77
C HIS A 378 14.32 -9.78 12.95
N ALA A 379 15.11 -9.63 11.91
CA ALA A 379 16.44 -10.21 11.87
C ALA A 379 17.37 -9.60 12.89
N MET A 380 17.11 -8.38 13.37
CA MET A 380 17.97 -7.78 14.38
C MET A 380 17.57 -8.21 15.79
N GLY A 381 16.42 -8.86 15.88
CA GLY A 381 15.97 -9.34 17.18
C GLY A 381 14.68 -8.67 17.55
N LEU A 382 14.29 -7.61 16.81
CA LEU A 382 13.02 -6.96 17.11
C LEU A 382 11.82 -7.83 16.86
N GLU A 383 10.71 -7.46 17.47
CA GLU A 383 9.46 -8.25 17.37
C GLU A 383 8.33 -7.34 16.92
N HIS A 384 7.09 -7.82 16.82
CA HIS A 384 6.04 -6.98 16.28
C HIS A 384 5.58 -5.89 17.24
N SER A 385 5.62 -4.60 16.86
CA SER A 385 5.01 -3.59 17.70
C SER A 385 3.49 -3.55 17.49
N GLN A 386 2.81 -2.94 18.45
CA GLN A 386 1.37 -2.77 18.47
C GLN A 386 1.08 -1.29 18.19
N ASP A 387 2.16 -0.60 17.82
CA ASP A 387 2.02 0.82 17.50
C ASP A 387 1.75 0.99 16.02
N PRO A 388 0.54 1.41 15.66
CA PRO A 388 0.12 1.67 14.31
C PRO A 388 1.09 2.52 13.53
N GLY A 389 1.93 3.33 14.14
CA GLY A 389 2.86 4.17 13.42
C GLY A 389 4.24 3.54 13.36
N ALA A 390 4.36 2.37 13.97
CA ALA A 390 5.62 1.64 14.01
C ALA A 390 5.84 0.74 12.78
N LEU A 391 7.07 0.81 12.29
CA LEU A 391 7.43 -0.04 11.16
C LEU A 391 7.17 -1.51 11.51
N MET A 392 7.52 -1.91 12.73
CA MET A 392 7.37 -3.32 13.08
C MET A 392 5.93 -3.69 13.39
N ALA A 393 4.95 -2.86 13.01
CA ALA A 393 3.56 -3.34 13.07
C ALA A 393 3.38 -4.45 12.02
N PRO A 394 2.51 -5.42 12.25
CA PRO A 394 2.36 -6.55 11.37
C PRO A 394 1.88 -6.15 9.96
N ILE A 395 0.84 -5.34 9.93
CA ILE A 395 0.10 -5.00 8.73
C ILE A 395 0.89 -4.09 7.82
N TYR A 396 0.75 -4.31 6.52
CA TYR A 396 1.50 -3.49 5.56
C TYR A 396 0.75 -2.21 5.19
N THR A 397 1.44 -1.08 5.21
CA THR A 397 0.91 0.21 4.85
C THR A 397 1.92 1.00 4.03
N TYR A 398 1.46 1.42 2.84
CA TYR A 398 2.39 2.08 1.93
C TYR A 398 2.60 3.49 2.43
N THR A 399 3.86 3.93 2.50
CA THR A 399 4.12 5.27 3.02
C THR A 399 5.10 5.91 2.07
N LYS A 400 4.63 6.81 1.21
CA LYS A 400 5.56 7.46 0.27
C LYS A 400 6.82 7.89 1.03
N ASN A 401 6.65 8.66 2.11
CA ASN A 401 7.82 9.10 2.88
C ASN A 401 7.95 8.27 4.14
N PHE A 402 8.86 7.29 4.13
CA PHE A 402 8.96 6.47 5.33
C PHE A 402 9.89 7.12 6.36
N ARG A 403 9.47 7.03 7.62
CA ARG A 403 10.28 7.47 8.74
C ARG A 403 10.17 6.43 9.88
N LEU A 404 11.29 5.86 10.30
CA LEU A 404 11.27 4.96 11.46
C LEU A 404 10.60 5.65 12.64
N SER A 405 9.63 5.07 13.29
CA SER A 405 8.97 5.68 14.44
C SER A 405 9.73 5.49 15.75
N GLN A 406 9.54 6.39 16.72
CA GLN A 406 10.21 6.35 18.01
C GLN A 406 10.23 4.94 18.59
N ASP A 407 9.07 4.30 18.63
CA ASP A 407 8.81 2.94 19.09
C ASP A 407 9.78 1.94 18.47
N ASP A 408 10.03 2.12 17.18
CA ASP A 408 11.03 1.29 16.51
C ASP A 408 12.41 1.67 17.02
N ILE A 409 12.87 2.89 16.78
CA ILE A 409 14.16 3.35 17.28
C ILE A 409 14.40 2.91 18.72
N LYS A 410 13.38 3.09 19.55
CA LYS A 410 13.42 2.66 20.93
C LYS A 410 13.96 1.22 21.02
N GLY A 411 13.15 0.25 20.60
CA GLY A 411 13.59 -1.13 20.59
C GLY A 411 14.92 -1.33 19.93
N ILE A 412 15.20 -0.79 18.73
CA ILE A 412 16.48 -1.19 18.13
C ILE A 412 17.64 -0.69 18.96
N GLN A 413 17.51 0.51 19.51
CA GLN A 413 18.47 1.11 20.44
C GLN A 413 18.41 0.38 21.79
N GLU A 414 17.24 -0.16 22.14
CA GLU A 414 17.13 -1.02 23.31
C GLU A 414 17.97 -2.28 23.14
N LEU A 415 18.27 -2.70 21.92
CA LEU A 415 19.05 -3.89 21.68
C LEU A 415 20.50 -3.52 21.37
N TYR A 416 20.69 -2.43 20.64
CA TYR A 416 22.03 -2.00 20.25
C TYR A 416 22.22 -0.54 20.60
N GLY A 417 23.27 0.13 20.15
CA GLY A 417 23.53 1.49 20.56
C GLY A 417 22.59 2.58 20.08
N ALA A 418 23.13 3.78 20.20
CA ALA A 418 22.49 5.01 19.78
C ALA A 418 22.97 5.23 18.34
N SER A 419 24.25 5.29 18.16
CA SER A 419 25.01 5.44 16.93
C SER A 419 26.38 6.04 17.29
N PRO A 420 27.41 5.78 16.58
CA PRO A 420 28.57 6.72 16.64
C PRO A 420 28.00 8.03 16.02
N LEU A 432 14.23 12.79 18.06
CA LEU A 432 14.81 11.45 17.93
C LEU A 432 13.72 10.43 17.66
N GLY A 433 13.10 10.58 16.49
CA GLY A 433 12.04 9.72 16.01
C GLY A 433 10.64 10.23 16.29
N PRO A 434 9.77 10.04 15.32
CA PRO A 434 8.38 10.45 15.37
C PRO A 434 7.61 9.70 16.46
N VAL A 435 6.67 10.38 17.08
CA VAL A 435 5.84 9.80 18.13
C VAL A 435 4.41 9.63 17.64
N THR A 436 3.57 8.90 18.37
CA THR A 436 2.21 8.66 17.91
C THR A 436 1.15 8.97 18.94
N PRO A 437 0.18 9.81 18.54
CA PRO A 437 -0.82 10.36 19.38
C PRO A 437 -1.75 9.42 20.11
N GLU A 438 -2.03 9.75 21.36
CA GLU A 438 -3.00 9.06 22.20
C GLU A 438 -4.09 10.05 22.60
N ILE A 439 -5.32 9.86 22.15
CA ILE A 439 -6.35 10.85 22.31
C ILE A 439 -6.80 11.13 23.73
N CYS A 440 -7.11 10.07 24.47
CA CYS A 440 -7.66 10.23 25.81
C CYS A 440 -6.61 10.71 26.81
N LYS A 441 -5.41 10.16 26.70
CA LYS A 441 -4.34 10.40 27.65
C LYS A 441 -3.56 11.67 27.37
N GLN A 442 -3.88 12.40 26.32
CA GLN A 442 -3.19 13.63 25.98
C GLN A 442 -4.17 14.60 25.32
N ASP A 443 -4.09 15.88 25.69
CA ASP A 443 -4.97 16.88 25.06
C ASP A 443 -4.26 17.34 23.79
N ILE A 444 -4.90 17.14 22.63
CA ILE A 444 -4.22 17.50 21.40
C ILE A 444 -5.20 18.21 20.45
N VAL A 445 -4.59 18.88 19.49
CA VAL A 445 -5.37 19.61 18.48
C VAL A 445 -5.41 18.83 17.18
N PHE A 446 -6.62 18.45 16.76
CA PHE A 446 -6.74 17.69 15.54
C PHE A 446 -6.52 18.57 14.32
N ASP A 447 -5.98 18.04 13.23
CA ASP A 447 -5.78 18.86 12.04
C ASP A 447 -7.14 19.06 11.37
N GLY A 448 -8.00 18.07 11.39
CA GLY A 448 -9.29 18.27 10.70
C GLY A 448 -10.22 17.22 11.29
N ILE A 449 -11.48 17.58 11.36
CA ILE A 449 -12.42 16.64 12.01
C ILE A 449 -13.62 16.67 11.09
N ALA A 450 -14.13 15.52 10.72
CA ALA A 450 -15.27 15.55 9.79
C ALA A 450 -15.93 14.19 9.63
N GLN A 451 -17.24 14.21 9.41
CA GLN A 451 -18.02 13.01 9.12
C GLN A 451 -17.68 12.57 7.70
N ILE A 452 -17.52 11.28 7.43
CA ILE A 452 -17.23 10.85 6.05
C ILE A 452 -18.39 10.01 5.58
N ARG A 453 -18.23 8.75 5.20
CA ARG A 453 -19.41 7.97 4.80
C ARG A 453 -20.19 7.51 6.01
N GLY A 454 -20.64 8.47 6.82
CA GLY A 454 -21.41 8.28 8.01
C GLY A 454 -20.57 8.05 9.25
N GLU A 455 -19.24 8.16 9.12
CA GLU A 455 -18.39 7.95 10.29
C GLU A 455 -17.68 9.24 10.66
N ILE A 456 -17.46 9.50 11.95
CA ILE A 456 -16.73 10.71 12.32
C ILE A 456 -15.24 10.43 12.20
N PHE A 457 -14.48 11.28 11.51
CA PHE A 457 -13.06 11.02 11.32
C PHE A 457 -12.18 12.11 11.93
N PHE A 458 -11.40 11.74 12.95
CA PHE A 458 -10.54 12.71 13.64
C PHE A 458 -9.10 12.55 13.16
N PHE A 459 -8.57 13.56 12.48
CA PHE A 459 -7.22 13.43 11.97
C PHE A 459 -6.23 14.17 12.85
N LYS A 460 -5.00 13.78 12.68
CA LYS A 460 -3.91 14.47 13.37
C LYS A 460 -2.72 14.44 12.44
N ASP A 461 -1.52 14.25 12.95
CA ASP A 461 -0.37 14.17 12.05
C ASP A 461 -0.47 12.99 11.11
N ARG A 462 0.18 11.87 11.46
CA ARG A 462 0.16 10.74 10.54
C ARG A 462 -0.92 9.74 10.85
N PHE A 463 -1.93 9.99 11.66
CA PHE A 463 -2.92 9.01 12.07
C PHE A 463 -4.34 9.55 12.13
N ILE A 464 -5.34 8.66 12.20
CA ILE A 464 -6.72 9.09 12.25
C ILE A 464 -7.52 8.17 13.16
N TRP A 465 -8.41 8.73 13.96
CA TRP A 465 -9.31 7.95 14.79
C TRP A 465 -10.69 8.08 14.14
N ARG A 466 -11.54 7.08 14.24
CA ARG A 466 -12.86 7.09 13.61
C ARG A 466 -13.91 6.40 14.46
N THR A 467 -15.18 6.76 14.28
CA THR A 467 -16.28 6.15 15.01
C THR A 467 -17.62 6.32 14.33
N VAL A 468 -18.55 5.40 14.57
CA VAL A 468 -19.88 5.61 13.97
C VAL A 468 -20.80 6.37 14.90
N THR A 469 -20.44 6.53 16.16
CA THR A 469 -21.26 7.24 17.14
C THR A 469 -20.40 7.86 18.24
N PRO A 470 -20.67 9.11 18.63
CA PRO A 470 -19.88 9.85 19.58
C PRO A 470 -20.13 9.50 21.04
N ARG A 471 -20.86 8.44 21.30
CA ARG A 471 -21.12 7.96 22.65
C ARG A 471 -20.35 6.65 22.89
N ASP A 472 -19.28 6.47 22.12
CA ASP A 472 -18.44 5.29 22.25
C ASP A 472 -16.97 5.64 22.07
N LYS A 473 -16.11 4.84 22.68
CA LYS A 473 -14.66 5.07 22.53
C LYS A 473 -14.33 5.08 21.04
N PRO A 474 -13.38 5.90 20.64
CA PRO A 474 -12.97 6.04 19.26
C PRO A 474 -12.03 4.95 18.78
N MET A 475 -12.34 4.41 17.61
CA MET A 475 -11.53 3.38 16.98
C MET A 475 -10.22 3.99 16.45
N GLY A 476 -9.08 3.48 16.87
CA GLY A 476 -7.79 3.98 16.39
C GLY A 476 -6.75 4.09 17.46
N PRO A 477 -5.55 4.60 17.23
CA PRO A 477 -5.15 5.23 16.00
C PRO A 477 -4.86 4.26 14.87
N LEU A 478 -5.03 4.79 13.67
CA LEU A 478 -4.79 4.07 12.43
C LEU A 478 -4.03 4.99 11.47
N LEU A 479 -3.01 4.49 10.81
CA LEU A 479 -2.24 5.37 9.91
C LEU A 479 -3.14 5.80 8.77
N VAL A 480 -3.16 7.10 8.43
CA VAL A 480 -4.14 7.53 7.43
C VAL A 480 -3.74 7.00 6.06
N ALA A 481 -2.43 6.76 5.89
CA ALA A 481 -1.97 6.23 4.62
C ALA A 481 -2.70 4.94 4.28
N THR A 482 -3.23 4.19 5.25
CA THR A 482 -3.92 2.97 4.89
C THR A 482 -5.24 3.24 4.20
N PHE A 483 -5.60 4.50 4.08
CA PHE A 483 -6.80 4.84 3.32
C PHE A 483 -6.43 5.84 2.24
N TRP A 484 -5.53 6.77 2.52
CA TRP A 484 -5.26 7.88 1.61
C TRP A 484 -3.77 8.14 1.49
N PRO A 485 -3.12 7.21 0.81
CA PRO A 485 -1.70 7.17 0.63
C PRO A 485 -1.07 8.32 -0.10
N GLU A 486 -1.86 8.98 -0.92
CA GLU A 486 -1.34 10.04 -1.75
C GLU A 486 -1.33 11.36 -0.99
N LEU A 487 -2.13 11.39 0.08
CA LEU A 487 -2.16 12.55 0.98
C LEU A 487 -0.79 12.74 1.64
N PRO A 488 -0.39 13.96 1.91
CA PRO A 488 0.82 14.30 2.66
C PRO A 488 0.77 14.09 4.15
N GLU A 489 1.86 14.39 4.86
CA GLU A 489 2.08 14.18 6.28
C GLU A 489 0.97 14.66 7.19
N LYS A 490 0.38 15.83 6.94
CA LYS A 490 -0.76 16.30 7.70
C LYS A 490 -1.80 16.92 6.78
N ILE A 491 -3.09 16.78 7.06
CA ILE A 491 -4.05 17.50 6.20
C ILE A 491 -4.31 18.85 6.86
N ASP A 492 -5.03 19.73 6.18
CA ASP A 492 -5.36 21.03 6.78
C ASP A 492 -6.86 21.03 7.03
N ALA A 493 -7.56 20.18 6.28
CA ALA A 493 -9.00 20.12 6.46
C ALA A 493 -9.51 18.91 5.69
N VAL A 494 -10.76 18.62 5.95
CA VAL A 494 -11.45 17.49 5.41
C VAL A 494 -12.91 17.85 5.16
N TYR A 495 -13.59 17.06 4.35
CA TYR A 495 -15.01 17.33 4.07
C TYR A 495 -15.57 16.19 3.22
N GLU A 496 -16.88 16.24 3.07
CA GLU A 496 -17.64 15.36 2.21
C GLU A 496 -18.40 16.20 1.18
N ALA A 497 -18.55 15.69 -0.03
CA ALA A 497 -19.33 16.36 -1.07
C ALA A 497 -20.74 15.76 -1.14
N PRO A 498 -21.77 16.57 -0.96
CA PRO A 498 -23.13 16.09 -0.90
C PRO A 498 -23.60 15.34 -2.12
N GLN A 499 -23.07 15.62 -3.31
CA GLN A 499 -23.54 15.01 -4.55
C GLN A 499 -23.01 13.61 -4.79
N GLU A 500 -21.72 13.38 -4.56
CA GLU A 500 -21.20 12.05 -4.89
C GLU A 500 -20.75 11.26 -3.67
N GLU A 501 -20.90 11.83 -2.48
CA GLU A 501 -20.44 11.16 -1.25
C GLU A 501 -18.93 11.00 -1.29
N LYS A 502 -18.20 12.01 -1.78
CA LYS A 502 -16.76 11.93 -1.91
C LYS A 502 -16.01 12.73 -0.86
N ALA A 503 -14.84 12.25 -0.42
CA ALA A 503 -14.05 12.96 0.56
C ALA A 503 -13.08 13.94 -0.07
N VAL A 504 -13.06 15.17 0.43
CA VAL A 504 -12.23 16.22 -0.15
C VAL A 504 -11.27 16.70 0.94
N PHE A 505 -9.99 16.50 0.74
CA PHE A 505 -8.94 16.74 1.71
C PHE A 505 -8.12 17.96 1.30
N PHE A 506 -7.79 18.81 2.29
CA PHE A 506 -7.03 20.02 1.99
C PHE A 506 -5.64 19.94 2.62
N ALA A 507 -4.64 20.48 1.97
CA ALA A 507 -3.29 20.51 2.57
C ALA A 507 -2.44 21.53 1.83
N GLY A 508 -1.74 22.46 2.50
CA GLY A 508 -1.04 23.47 1.67
C GLY A 508 -1.92 24.02 0.57
N ASN A 509 -1.40 24.21 -0.65
CA ASN A 509 -2.24 24.82 -1.69
C ASN A 509 -2.96 23.79 -2.56
N GLU A 510 -2.95 22.52 -2.16
CA GLU A 510 -3.61 21.51 -2.96
C GLU A 510 -4.78 20.88 -2.21
N TYR A 511 -5.62 20.20 -2.97
CA TYR A 511 -6.67 19.41 -2.36
C TYR A 511 -6.94 18.16 -3.20
N TRP A 512 -7.40 17.11 -2.52
CA TRP A 512 -7.59 15.83 -3.15
C TRP A 512 -9.05 15.41 -3.04
N ILE A 513 -9.61 14.78 -4.07
CA ILE A 513 -10.98 14.29 -3.86
C ILE A 513 -10.95 12.77 -3.91
N TYR A 514 -11.54 12.10 -2.92
CA TYR A 514 -11.51 10.65 -3.08
C TYR A 514 -12.97 10.24 -3.17
N SER A 515 -13.10 9.04 -3.67
CA SER A 515 -14.37 8.36 -3.57
C SER A 515 -14.04 6.90 -3.20
N ALA A 516 -14.29 6.58 -1.94
CA ALA A 516 -14.15 5.24 -1.40
C ALA A 516 -12.74 4.70 -1.51
N SER A 517 -11.75 5.52 -1.12
CA SER A 517 -10.37 5.01 -1.13
C SER A 517 -9.70 5.10 -2.48
N THR A 518 -10.46 5.55 -3.48
CA THR A 518 -9.90 5.67 -4.81
C THR A 518 -9.59 7.15 -5.04
N LEU A 519 -8.30 7.42 -5.25
CA LEU A 519 -7.91 8.81 -5.45
C LEU A 519 -8.51 9.32 -6.75
N GLU A 520 -9.15 10.49 -6.67
CA GLU A 520 -9.75 11.01 -7.90
C GLU A 520 -8.72 11.28 -8.98
N ARG A 521 -9.18 10.98 -10.19
CA ARG A 521 -8.36 11.27 -11.37
C ARG A 521 -8.35 12.77 -11.64
N GLY A 522 -7.16 13.32 -11.87
CA GLY A 522 -7.08 14.77 -12.05
C GLY A 522 -6.67 15.42 -10.74
N TYR A 523 -6.64 14.61 -9.67
CA TYR A 523 -6.23 15.16 -8.39
C TYR A 523 -4.84 14.77 -8.00
N PRO A 524 -4.14 15.60 -7.26
CA PRO A 524 -4.64 16.82 -6.67
C PRO A 524 -4.51 18.02 -7.57
N LYS A 525 -5.30 19.06 -7.32
CA LYS A 525 -5.12 20.34 -8.00
C LYS A 525 -4.90 21.46 -6.98
N PRO A 526 -4.37 22.58 -7.48
CA PRO A 526 -4.19 23.77 -6.66
C PRO A 526 -5.57 24.30 -6.27
N LEU A 527 -5.65 24.89 -5.07
CA LEU A 527 -6.93 25.35 -4.57
C LEU A 527 -7.57 26.34 -5.51
N THR A 528 -6.75 26.95 -6.37
CA THR A 528 -7.34 27.90 -7.33
C THR A 528 -8.46 27.20 -8.06
N SER A 529 -8.25 25.94 -8.44
CA SER A 529 -9.29 25.15 -9.09
C SER A 529 -10.59 25.11 -8.31
N LEU A 530 -10.59 25.30 -7.00
CA LEU A 530 -11.84 25.35 -6.24
C LEU A 530 -12.46 26.75 -6.40
N GLY A 531 -11.62 27.68 -6.87
CA GLY A 531 -12.01 29.06 -7.04
C GLY A 531 -11.63 29.89 -5.82
N LEU A 532 -10.39 29.73 -5.38
CA LEU A 532 -9.90 30.51 -4.25
C LEU A 532 -8.79 31.42 -4.75
N PRO A 533 -8.82 32.65 -4.31
CA PRO A 533 -7.81 33.63 -4.67
C PRO A 533 -6.41 33.09 -4.49
N PRO A 534 -5.55 33.27 -5.47
CA PRO A 534 -4.17 32.80 -5.42
C PRO A 534 -3.37 33.24 -4.21
N ASP A 535 -3.86 34.16 -3.40
CA ASP A 535 -3.15 34.63 -2.22
C ASP A 535 -3.08 33.56 -1.14
N VAL A 536 -4.20 32.94 -0.82
CA VAL A 536 -4.23 31.86 0.16
C VAL A 536 -3.46 30.65 -0.37
N GLN A 537 -2.66 30.05 0.50
CA GLN A 537 -1.96 28.84 0.09
C GLN A 537 -2.17 27.78 1.18
N ARG A 538 -3.27 28.02 1.89
CA ARG A 538 -3.71 27.17 3.00
C ARG A 538 -5.17 27.41 3.30
N VAL A 539 -5.90 26.45 3.83
CA VAL A 539 -7.24 26.78 4.31
C VAL A 539 -7.36 25.97 5.61
N ASP A 540 -7.83 26.53 6.70
CA ASP A 540 -7.82 25.77 7.95
C ASP A 540 -9.17 25.20 8.29
N ALA A 541 -10.23 25.40 7.52
CA ALA A 541 -11.47 24.73 8.01
C ALA A 541 -12.34 24.35 6.82
N ALA A 542 -13.29 23.48 7.00
CA ALA A 542 -14.15 23.06 5.89
C ALA A 542 -15.33 22.25 6.39
N PHE A 543 -16.38 22.18 5.59
CA PHE A 543 -17.55 21.39 5.87
C PHE A 543 -18.75 21.85 5.02
N ASN A 544 -19.70 20.96 4.90
CA ASN A 544 -20.92 21.18 4.17
C ASN A 544 -22.11 21.39 5.12
N TRP A 545 -23.14 22.04 4.59
CA TRP A 545 -24.34 22.31 5.39
C TRP A 545 -25.54 21.58 4.84
N SER A 546 -26.27 20.85 5.68
CA SER A 546 -27.37 20.02 5.20
C SER A 546 -28.54 20.85 4.68
N LYS A 547 -28.77 22.00 5.31
CA LYS A 547 -29.86 22.86 4.89
C LYS A 547 -29.59 23.50 3.53
N ASN A 548 -28.38 24.08 3.40
CA ASN A 548 -28.05 24.83 2.21
C ASN A 548 -27.21 24.03 1.22
N LYS A 549 -26.50 23.02 1.74
CA LYS A 549 -25.59 22.24 0.92
C LYS A 549 -24.48 23.12 0.38
N LYS A 550 -24.17 24.15 1.16
CA LYS A 550 -23.14 25.10 0.76
C LYS A 550 -21.86 24.86 1.54
N THR A 551 -20.77 24.69 0.80
CA THR A 551 -19.51 24.37 1.45
C THR A 551 -18.70 25.61 1.77
N TYR A 552 -18.45 25.83 3.06
CA TYR A 552 -17.68 27.00 3.47
C TYR A 552 -16.23 26.61 3.75
N ILE A 553 -15.28 27.32 3.16
CA ILE A 553 -13.87 27.09 3.43
C ILE A 553 -13.29 28.26 4.22
N PHE A 554 -12.96 28.02 5.47
CA PHE A 554 -12.45 29.06 6.36
C PHE A 554 -10.93 29.18 6.32
N ALA A 555 -10.41 30.39 6.19
CA ALA A 555 -8.97 30.64 6.26
C ALA A 555 -8.66 31.99 6.90
N GLY A 556 -7.95 31.93 8.04
CA GLY A 556 -7.62 33.15 8.78
C GLY A 556 -8.91 33.78 9.32
N ASP A 557 -9.13 35.03 8.92
CA ASP A 557 -10.29 35.79 9.34
C ASP A 557 -11.34 35.87 8.24
N LYS A 558 -11.20 35.05 7.20
CA LYS A 558 -12.22 35.04 6.16
C LYS A 558 -12.67 33.63 5.83
N PHE A 559 -13.85 33.53 5.24
CA PHE A 559 -14.34 32.25 4.75
C PHE A 559 -15.02 32.44 3.40
N TRP A 560 -15.23 31.35 2.67
CA TRP A 560 -15.83 31.38 1.36
C TRP A 560 -16.87 30.25 1.29
N ARG A 561 -17.69 30.34 0.25
CA ARG A 561 -18.71 29.36 -0.01
C ARG A 561 -18.48 28.65 -1.33
N TYR A 562 -18.72 27.34 -1.36
CA TYR A 562 -18.53 26.64 -2.64
C TYR A 562 -19.86 26.06 -3.09
N ASN A 563 -20.11 26.17 -4.38
CA ASN A 563 -21.32 25.58 -4.95
C ASN A 563 -20.98 24.19 -5.46
N GLU A 564 -21.44 23.12 -4.81
CA GLU A 564 -21.10 21.79 -5.31
C GLU A 564 -21.93 21.45 -6.53
N VAL A 565 -23.11 22.07 -6.64
CA VAL A 565 -23.96 21.82 -7.81
C VAL A 565 -23.41 22.53 -9.03
N LYS A 566 -22.96 23.76 -8.84
CA LYS A 566 -22.46 24.57 -9.94
C LYS A 566 -20.96 24.43 -10.14
N LYS A 567 -20.26 23.88 -9.16
CA LYS A 567 -18.83 23.65 -9.21
C LYS A 567 -18.07 24.96 -9.39
N LYS A 568 -18.57 25.98 -8.73
CA LYS A 568 -18.00 27.33 -8.75
C LYS A 568 -18.19 27.95 -7.38
N MET A 569 -17.49 29.04 -7.12
CA MET A 569 -17.75 29.70 -5.83
C MET A 569 -18.97 30.60 -5.99
N ASP A 570 -19.46 31.20 -4.91
CA ASP A 570 -20.66 32.04 -4.96
C ASP A 570 -20.29 33.51 -5.14
N PRO A 571 -21.28 34.34 -5.41
CA PRO A 571 -21.10 35.76 -5.64
C PRO A 571 -20.21 36.49 -4.64
N GLY A 572 -19.11 37.02 -5.15
CA GLY A 572 -18.12 37.81 -4.51
C GLY A 572 -17.81 37.57 -3.06
N PHE A 573 -16.98 36.56 -2.77
CA PHE A 573 -16.45 36.33 -1.44
C PHE A 573 -14.97 36.70 -1.44
N PRO A 574 -14.27 36.67 -0.33
CA PRO A 574 -14.67 36.16 0.94
C PRO A 574 -15.43 37.12 1.84
N LYS A 575 -16.01 36.53 2.88
CA LYS A 575 -16.66 37.21 3.98
C LYS A 575 -15.79 36.99 5.25
N LEU A 576 -16.21 37.60 6.34
CA LEU A 576 -15.48 37.50 7.60
C LEU A 576 -16.04 36.45 8.53
N ILE A 577 -15.20 35.94 9.43
CA ILE A 577 -15.61 34.94 10.40
C ILE A 577 -16.53 35.56 11.45
N ALA A 578 -16.34 36.85 11.70
CA ALA A 578 -17.13 37.58 12.68
C ALA A 578 -18.31 38.29 12.02
N ASP A 579 -18.10 38.80 10.82
CA ASP A 579 -19.12 39.48 10.06
C ASP A 579 -20.26 38.55 9.66
N ALA A 580 -19.98 37.26 9.49
CA ALA A 580 -21.01 36.32 9.07
C ALA A 580 -21.39 35.36 10.19
N TRP A 581 -20.52 35.23 11.17
CA TRP A 581 -20.78 34.37 12.33
C TRP A 581 -20.60 35.21 13.60
N ASN A 582 -21.51 35.07 14.53
CA ASN A 582 -21.46 35.91 15.72
C ASN A 582 -20.33 35.58 16.68
N ALA A 583 -20.15 34.31 17.02
CA ALA A 583 -19.27 33.93 18.11
C ALA A 583 -18.02 33.16 17.77
N ILE A 584 -17.69 33.03 16.51
CA ILE A 584 -16.63 32.20 15.99
C ILE A 584 -15.26 32.84 15.92
N PRO A 585 -14.28 32.29 16.61
CA PRO A 585 -12.91 32.77 16.57
C PRO A 585 -12.29 32.51 15.20
N ASP A 586 -11.51 33.46 14.72
CA ASP A 586 -10.81 33.32 13.45
C ASP A 586 -9.57 32.45 13.63
N ASN A 587 -9.21 31.71 12.58
CA ASN A 587 -8.05 30.81 12.67
C ASN A 587 -8.41 29.59 13.51
N LEU A 588 -9.70 29.27 13.50
CA LEU A 588 -10.21 28.10 14.20
C LEU A 588 -9.90 26.88 13.32
N ASP A 589 -9.72 25.71 13.90
CA ASP A 589 -9.32 24.55 13.14
C ASP A 589 -10.40 23.67 12.61
N ALA A 590 -11.53 23.36 13.24
CA ALA A 590 -12.38 22.43 12.45
C ALA A 590 -13.84 22.73 12.57
N VAL A 591 -14.63 22.15 11.68
CA VAL A 591 -16.07 22.30 11.68
C VAL A 591 -16.72 20.98 11.26
N VAL A 592 -17.76 20.61 12.01
CA VAL A 592 -18.43 19.35 11.68
C VAL A 592 -19.93 19.49 11.95
N ASP A 593 -20.75 19.11 10.98
CA ASP A 593 -22.21 19.14 11.16
C ASP A 593 -22.77 17.75 10.90
N LEU A 594 -22.87 16.93 11.94
CA LEU A 594 -23.38 15.57 11.74
C LEU A 594 -24.73 15.60 11.02
N GLN A 595 -24.94 14.65 10.12
CA GLN A 595 -26.20 14.58 9.38
C GLN A 595 -27.36 14.18 10.27
N GLY A 596 -28.48 14.91 10.20
CA GLY A 596 -29.68 14.51 10.90
C GLY A 596 -29.93 15.11 12.25
N GLY A 597 -29.05 15.98 12.72
CA GLY A 597 -29.26 16.69 13.98
C GLY A 597 -28.77 18.12 13.74
N GLY A 598 -29.68 19.05 13.57
CA GLY A 598 -29.35 20.43 13.27
C GLY A 598 -28.47 21.06 14.35
N HIS A 599 -27.17 20.86 14.24
CA HIS A 599 -26.17 21.41 15.15
C HIS A 599 -24.81 21.46 14.44
N SER A 600 -24.19 22.63 14.36
CA SER A 600 -22.90 22.82 13.72
C SER A 600 -21.81 23.13 14.73
N TYR A 601 -20.87 22.22 14.96
CA TYR A 601 -19.84 22.44 15.98
C TYR A 601 -18.52 22.91 15.39
N PHE A 602 -18.00 24.01 15.90
CA PHE A 602 -16.78 24.63 15.42
C PHE A 602 -15.67 24.40 16.45
N PHE A 603 -14.56 23.82 16.04
CA PHE A 603 -13.51 23.43 16.96
C PHE A 603 -12.31 24.36 16.97
N LYS A 604 -11.78 24.62 18.17
CA LYS A 604 -10.57 25.44 18.28
C LYS A 604 -9.79 25.02 19.52
N GLY A 605 -8.46 25.10 19.44
CA GLY A 605 -7.68 24.54 20.57
C GLY A 605 -8.24 23.13 20.85
N ALA A 606 -8.34 22.74 22.13
CA ALA A 606 -8.88 21.41 22.41
C ALA A 606 -10.37 21.44 22.64
N TYR A 607 -11.00 22.62 22.56
CA TYR A 607 -12.41 22.69 22.95
C TYR A 607 -13.26 23.36 21.88
N TYR A 608 -14.47 22.87 21.66
CA TYR A 608 -15.37 23.31 20.61
C TYR A 608 -16.54 24.19 21.06
N LEU A 609 -17.33 24.63 20.09
CA LEU A 609 -18.54 25.42 20.31
C LEU A 609 -19.68 24.91 19.44
N LYS A 610 -20.91 24.87 19.93
CA LYS A 610 -21.94 24.30 19.05
C LYS A 610 -22.81 25.36 18.40
N LEU A 611 -23.92 24.94 17.78
CA LEU A 611 -24.80 25.86 17.07
C LEU A 611 -26.09 25.22 16.57
N GLU A 612 -27.24 25.90 16.65
CA GLU A 612 -28.43 25.36 16.00
C GLU A 612 -28.40 25.93 14.56
N ASN A 613 -28.86 25.03 13.72
CA ASN A 613 -28.92 25.37 12.30
C ASN A 613 -29.71 26.62 12.06
N GLN A 614 -30.90 26.77 12.62
CA GLN A 614 -31.66 27.99 12.35
C GLN A 614 -31.20 29.23 13.06
N SER A 615 -30.33 29.15 14.06
CA SER A 615 -29.93 30.37 14.77
C SER A 615 -28.49 30.39 15.21
N LEU A 616 -27.73 31.47 14.95
CA LEU A 616 -26.35 31.46 15.48
C LEU A 616 -26.30 31.59 16.98
N LYS A 617 -27.25 32.26 17.67
CA LYS A 617 -27.07 32.23 19.15
C LYS A 617 -27.22 30.77 19.56
N SER A 618 -27.92 30.00 18.72
CA SER A 618 -28.18 28.63 19.05
C SER A 618 -26.94 27.84 19.40
N VAL A 619 -26.79 27.62 20.71
CA VAL A 619 -25.59 27.00 21.23
C VAL A 619 -25.88 26.32 22.57
N LYS A 620 -24.85 25.73 23.10
CA LYS A 620 -24.71 25.00 24.35
C LYS A 620 -23.22 24.66 24.46
N PHE A 621 -22.42 24.81 25.50
CA PHE A 621 -20.97 24.55 25.30
C PHE A 621 -20.54 23.10 25.52
N GLY A 622 -19.24 22.85 25.29
CA GLY A 622 -18.61 21.56 25.46
C GLY A 622 -17.10 21.56 25.19
N SER A 623 -16.46 20.40 25.16
CA SER A 623 -15.03 20.20 24.88
C SER A 623 -14.83 18.97 24.00
N ILE A 624 -13.73 18.85 23.26
CA ILE A 624 -13.59 17.75 22.32
C ILE A 624 -13.27 16.41 22.99
N LYS A 625 -12.19 16.41 23.78
CA LYS A 625 -11.76 15.19 24.41
C LYS A 625 -12.85 14.56 25.25
N SER A 626 -13.53 15.38 26.05
CA SER A 626 -14.54 14.84 26.94
C SER A 626 -15.89 14.71 26.28
N ASP A 627 -16.37 15.76 25.63
CA ASP A 627 -17.70 15.76 25.03
C ASP A 627 -17.75 14.93 23.75
N TRP A 628 -16.71 15.01 22.94
CA TRP A 628 -16.65 14.39 21.64
C TRP A 628 -16.17 12.95 21.62
N LEU A 629 -15.10 12.66 22.36
CA LEU A 629 -14.52 11.33 22.41
C LEU A 629 -14.74 10.66 23.77
N GLY A 630 -15.25 9.44 23.78
CA GLY A 630 -15.55 8.69 24.99
C GLY A 630 -14.33 8.42 25.88
N CYS A 631 -14.00 9.36 26.68
CA CYS A 631 -13.03 9.93 27.53
C CYS A 631 -13.73 10.68 28.68
ZN ZN B . 6.79 -8.97 11.10
ZN ZN C . 10.74 -18.83 5.13
CA CA D . 1.59 -14.06 -0.03
CA CA E . 22.27 -17.38 8.65
CA CA F . -7.80 22.57 10.42
CL CL G . -11.82 20.69 8.75
NA NA H . -14.53 19.14 8.35
S SO4 I . -3.67 -15.81 6.55
O1 SO4 I . -3.20 -16.66 5.41
O2 SO4 I . -2.72 -16.02 7.69
O3 SO4 I . -3.68 -14.36 6.18
O4 SO4 I . -5.06 -16.19 6.95
S SO4 J . 19.28 -33.28 -13.64
O1 SO4 J . 18.07 -32.62 -14.35
O2 SO4 J . 18.90 -34.57 -13.02
O3 SO4 J . 20.36 -33.38 -14.64
O4 SO4 J . 19.48 -32.36 -12.48
#